data_4Y4V
#
_entry.id   4Y4V
#
_cell.length_a   63.404
_cell.length_b   90.607
_cell.length_c   127.920
_cell.angle_alpha   90.00
_cell.angle_beta   90.00
_cell.angle_gamma   90.00
#
_symmetry.space_group_name_H-M   'P 21 21 21'
#
loop_
_entity.id
_entity.type
_entity.pdbx_description
1 polymer 'Conserved hypothetical secreted protein'
2 polymer 'Conserved hypothetical secreted protein'
3 non-polymer D-ALANINE
4 non-polymer GLYCEROL
5 water water
#
loop_
_entity_poly.entity_id
_entity_poly.type
_entity_poly.pdbx_seq_one_letter_code
_entity_poly.pdbx_strand_id
1 'polypeptide(L)'
;MGSSHHHHHHSSGLVPRGSHMVGLNASDRLLEIMRLYQKQGLEMVGQKLDSYLADKSFWAEELQNKDTDFGYYQNKQFLF
VANKSKPSLEFYEIENNMLKKINSSKALVGSKKGDKTLEGDLATPIGVYRITQKLERLDQYYGVLAFVTNYPNLYDTLKK
RTGHGIWVHGMPLNGDRNELNTKG(CSO)IAIENPLLSSYDKVLKGEKAFLITYEDKFFPSTKEELSMILSSLFQWKEAW
ARGDFERYMRFYNPNFTRYDGMKFNAFKEYKKRVFAKNEKKNIAFSSINVIPYPNSQNKRLFYVVFDQDYKAYQHNKLSY
SSNSQKELYIEIENNQVSIIMEK
;
A
2 'polypeptide(L)'
;MGSSHHHHHHSSGLVPRGSHMVGLNASDRLLEIMRLYQKQGLEMVGQKLDSYLADKSFWAEELQNKDTDFGYYQNKQFLF
VANKSKPSLEFYEIENNMLKKINSSKALVGSKKGDKTLEGDLATPIGVYRITQKLERLDQYYGVLAFVTNYPNLYDTLKK
RTGHGIWVHGMPLNGDRNELNTKGCIAIENPLLSSYDKVLKGEKAFLITYEDKFFPSTKEELSMILSSLFQWKEAWARGD
FERYMRFYNPNFTRYDGMKFNAFKEYKKRVFAKNEKKNIAFSSINVIPYPNSQNKRLFYVVFDQDYKAYQHNKLSYSSNS
QKELYIEIENNQVSIIMEK
;
B
#
# COMPACT_ATOMS: atom_id res chain seq x y z
N LEU A 24 -4.92 -16.94 -3.24
CA LEU A 24 -4.71 -15.48 -2.97
C LEU A 24 -3.21 -15.14 -2.97
N ASN A 25 -2.79 -14.24 -3.86
CA ASN A 25 -1.36 -13.95 -4.10
C ASN A 25 -1.01 -12.46 -4.01
N ALA A 26 0.26 -12.11 -4.24
CA ALA A 26 0.76 -10.72 -4.14
C ALA A 26 0.00 -9.72 -5.02
N SER A 27 -0.26 -10.11 -6.27
CA SER A 27 -1.07 -9.28 -7.19
C SER A 27 -2.45 -8.98 -6.63
N ASP A 28 -3.12 -10.01 -6.12
CA ASP A 28 -4.46 -9.86 -5.51
C ASP A 28 -4.40 -8.93 -4.30
N ARG A 29 -3.37 -9.13 -3.46
CA ARG A 29 -3.19 -8.27 -2.29
C ARG A 29 -2.97 -6.81 -2.69
N LEU A 30 -2.15 -6.54 -3.71
CA LEU A 30 -1.92 -5.15 -4.17
C LEU A 30 -3.21 -4.52 -4.73
N LEU A 31 -3.96 -5.29 -5.51
CA LEU A 31 -5.24 -4.83 -6.04
C LEU A 31 -6.18 -4.52 -4.88
N GLU A 32 -6.26 -5.43 -3.92
CA GLU A 32 -7.13 -5.26 -2.75
C GLU A 32 -6.76 -4.01 -1.92
N ILE A 33 -5.46 -3.77 -1.74
CA ILE A 33 -4.99 -2.58 -0.98
C ILE A 33 -5.44 -1.30 -1.68
N MET A 34 -5.25 -1.23 -2.98
CA MET A 34 -5.53 -0.02 -3.72
C MET A 34 -7.04 0.20 -3.81
N ARG A 35 -7.79 -0.88 -4.03
CA ARG A 35 -9.26 -0.82 -4.03
C ARG A 35 -9.74 -0.23 -2.71
N LEU A 36 -9.19 -0.74 -1.61
CA LEU A 36 -9.59 -0.30 -0.29
C LEU A 36 -9.24 1.16 -0.02
N TYR A 37 -8.03 1.57 -0.41
CA TYR A 37 -7.60 2.94 -0.30
C TYR A 37 -8.53 3.88 -1.07
N GLN A 38 -8.88 3.52 -2.29
CA GLN A 38 -9.81 4.32 -3.10
C GLN A 38 -11.22 4.33 -2.48
N LYS A 39 -11.69 3.18 -2.03
CA LYS A 39 -13.08 3.01 -1.63
C LYS A 39 -13.35 3.52 -0.21
N GLN A 40 -12.52 3.11 0.76
CA GLN A 40 -12.76 3.41 2.19
C GLN A 40 -11.68 4.22 2.90
N GLY A 41 -10.55 4.51 2.23
CA GLY A 41 -9.50 5.34 2.82
C GLY A 41 -8.41 4.59 3.58
N LEU A 42 -7.55 5.37 4.22
CA LEU A 42 -6.27 4.91 4.71
C LEU A 42 -6.35 4.03 5.97
N GLU A 43 -7.28 4.33 6.88
CA GLU A 43 -7.44 3.54 8.10
C GLU A 43 -7.76 2.09 7.79
N MET A 44 -8.72 1.88 6.89
CA MET A 44 -9.07 0.53 6.50
C MET A 44 -7.86 -0.18 5.82
N VAL A 45 -7.03 0.55 5.09
CA VAL A 45 -5.79 -0.01 4.52
C VAL A 45 -4.88 -0.57 5.62
N GLY A 46 -4.64 0.22 6.66
CA GLY A 46 -3.86 -0.21 7.85
C GLY A 46 -4.34 -1.51 8.46
N GLN A 47 -5.66 -1.60 8.65
CA GLN A 47 -6.27 -2.80 9.19
C GLN A 47 -6.05 -4.01 8.30
N LYS A 48 -6.12 -3.80 6.98
CA LYS A 48 -5.89 -4.85 6.00
C LYS A 48 -4.43 -5.32 6.00
N LEU A 49 -3.49 -4.37 6.04
CA LEU A 49 -2.07 -4.69 6.14
C LEU A 49 -1.77 -5.43 7.43
N ASP A 50 -2.40 -5.04 8.52
CA ASP A 50 -2.28 -5.77 9.79
C ASP A 50 -2.72 -7.23 9.63
N SER A 51 -3.85 -7.42 8.95
CA SER A 51 -4.37 -8.77 8.74
C SER A 51 -3.41 -9.60 7.87
N TYR A 52 -2.72 -8.99 6.90
CA TYR A 52 -1.70 -9.71 6.15
C TYR A 52 -0.54 -10.12 7.04
N LEU A 53 -0.05 -9.17 7.84
CA LEU A 53 1.11 -9.44 8.69
C LEU A 53 0.83 -10.55 9.69
N ALA A 54 -0.41 -10.61 10.16
CA ALA A 54 -0.85 -11.68 11.06
C ALA A 54 -1.16 -13.02 10.38
N ASP A 55 -1.00 -13.11 9.05
CA ASP A 55 -1.49 -14.28 8.23
C ASP A 55 -0.33 -15.19 7.82
N LYS A 56 -0.33 -16.41 8.31
CA LYS A 56 0.71 -17.38 7.91
C LYS A 56 0.86 -17.53 6.40
N SER A 57 -0.25 -17.57 5.67
CA SER A 57 -0.21 -17.77 4.20
C SER A 57 0.42 -16.58 3.45
N PHE A 58 0.30 -15.37 4.00
CA PHE A 58 0.99 -14.20 3.43
C PHE A 58 2.51 -14.39 3.49
N TRP A 59 3.00 -14.85 4.64
CA TRP A 59 4.43 -15.03 4.81
C TRP A 59 4.90 -16.19 3.95
N ALA A 60 4.11 -17.27 3.90
CA ALA A 60 4.42 -18.44 3.04
C ALA A 60 4.67 -18.01 1.60
N GLU A 61 3.83 -17.10 1.10
CA GLU A 61 3.95 -16.56 -0.27
C GLU A 61 5.24 -15.74 -0.48
N GLU A 62 5.56 -14.79 0.42
CA GLU A 62 6.78 -13.97 0.32
C GLU A 62 8.06 -14.80 0.41
N LEU A 63 8.02 -15.85 1.23
CA LEU A 63 9.19 -16.66 1.51
C LEU A 63 9.49 -17.71 0.43
N GLN A 64 8.50 -18.05 -0.40
CA GLN A 64 8.58 -19.28 -1.19
C GLN A 64 9.83 -19.42 -2.05
N ASN A 65 10.34 -18.34 -2.63
CA ASN A 65 11.54 -18.48 -3.47
C ASN A 65 12.83 -17.96 -2.85
N LYS A 66 12.85 -17.84 -1.52
CA LYS A 66 13.98 -17.23 -0.84
C LYS A 66 14.83 -18.29 -0.17
N ASP A 67 16.11 -17.99 0.03
CA ASP A 67 17.04 -18.88 0.72
C ASP A 67 16.82 -18.74 2.25
N THR A 68 16.11 -19.69 2.83
CA THR A 68 15.62 -19.58 4.21
C THR A 68 16.26 -20.50 5.23
N ASP A 69 17.28 -21.27 4.85
CA ASP A 69 17.85 -22.27 5.77
C ASP A 69 18.51 -21.67 7.02
N PHE A 70 19.13 -20.49 6.90
CA PHE A 70 19.75 -19.83 8.05
C PHE A 70 18.84 -18.76 8.68
N GLY A 71 17.58 -18.70 8.19
CA GLY A 71 16.57 -17.77 8.71
C GLY A 71 16.01 -16.76 7.74
N TYR A 72 15.21 -15.86 8.32
CA TYR A 72 14.62 -14.71 7.64
C TYR A 72 15.37 -13.44 8.08
N TYR A 73 15.79 -12.66 7.10
CA TYR A 73 16.53 -11.43 7.34
C TYR A 73 15.97 -10.34 6.45
N GLN A 74 15.41 -9.28 7.06
CA GLN A 74 14.76 -8.22 6.24
C GLN A 74 15.81 -7.45 5.49
N ASN A 75 16.84 -6.99 6.19
CA ASN A 75 17.89 -6.17 5.56
C ASN A 75 19.14 -6.98 5.18
N LYS A 76 20.10 -6.33 4.52
CA LYS A 76 21.33 -6.99 4.14
C LYS A 76 22.10 -7.30 5.40
N GLN A 77 22.59 -8.52 5.53
CA GLN A 77 23.32 -8.93 6.73
C GLN A 77 24.47 -9.84 6.32
N PHE A 78 25.38 -10.04 7.25
CA PHE A 78 26.49 -10.94 7.09
C PHE A 78 26.36 -12.03 8.11
N LEU A 79 26.71 -13.25 7.71
CA LEU A 79 26.55 -14.42 8.55
C LEU A 79 27.78 -15.30 8.52
N PHE A 80 28.34 -15.56 9.69
CA PHE A 80 29.32 -16.62 9.88
C PHE A 80 28.60 -17.88 10.35
N VAL A 81 29.01 -19.03 9.82
CA VAL A 81 28.46 -20.32 10.22
C VAL A 81 29.58 -21.26 10.58
N ALA A 82 29.58 -21.70 11.84
CA ALA A 82 30.65 -22.49 12.40
C ALA A 82 30.16 -23.88 12.74
N ASN A 83 30.87 -24.89 12.25
CA ASN A 83 30.58 -26.27 12.60
C ASN A 83 31.69 -26.64 13.53
N LYS A 84 31.35 -26.83 14.82
CA LYS A 84 32.36 -27.15 15.84
C LYS A 84 33.04 -28.47 15.61
N SER A 85 32.30 -29.42 15.04
CA SER A 85 32.74 -30.81 14.86
C SER A 85 33.82 -31.01 13.88
N LYS A 86 33.75 -30.31 12.75
CA LYS A 86 34.68 -30.51 11.67
C LYS A 86 36.14 -30.26 11.99
N PRO A 87 36.52 -29.09 12.51
CA PRO A 87 35.71 -27.86 12.59
C PRO A 87 35.80 -27.02 11.29
N SER A 88 34.81 -26.16 11.04
CA SER A 88 34.85 -25.26 9.88
C SER A 88 34.14 -23.94 10.14
N LEU A 89 34.44 -22.96 9.31
CA LEU A 89 33.81 -21.69 9.37
C LEU A 89 33.48 -21.29 7.96
N GLU A 90 32.22 -20.92 7.74
CA GLU A 90 31.75 -20.40 6.46
C GLU A 90 31.34 -18.95 6.67
N PHE A 91 31.38 -18.18 5.58
CA PHE A 91 31.00 -16.77 5.62
C PHE A 91 30.07 -16.46 4.45
N TYR A 92 28.93 -15.85 4.78
CA TYR A 92 27.89 -15.56 3.79
C TYR A 92 27.47 -14.10 3.88
N GLU A 93 26.95 -13.62 2.76
CA GLU A 93 26.26 -12.37 2.64
C GLU A 93 24.80 -12.74 2.35
N ILE A 94 23.85 -12.03 2.95
CA ILE A 94 22.43 -12.27 2.68
C ILE A 94 21.74 -10.94 2.37
N GLU A 95 21.08 -10.90 1.23
CA GLU A 95 20.37 -9.73 0.78
C GLU A 95 19.09 -10.15 0.08
N ASN A 96 17.99 -9.56 0.45
CA ASN A 96 16.69 -9.91 -0.11
C ASN A 96 16.44 -11.37 0.19
N ASN A 97 17.00 -11.81 1.30
CA ASN A 97 16.90 -13.17 1.77
C ASN A 97 17.49 -14.20 0.82
N MET A 98 18.46 -13.80 0.06
CA MET A 98 19.16 -14.68 -0.83
C MET A 98 20.58 -14.79 -0.32
N LEU A 99 21.09 -15.98 -0.25
CA LEU A 99 22.42 -16.22 0.26
C LEU A 99 23.53 -16.28 -0.75
N LYS A 100 24.59 -15.53 -0.51
CA LYS A 100 25.80 -15.62 -1.33
C LYS A 100 26.98 -16.09 -0.45
N LYS A 101 27.48 -17.30 -0.70
CA LYS A 101 28.61 -17.84 0.06
C LYS A 101 29.87 -17.11 -0.34
N ILE A 102 30.56 -16.49 0.61
CA ILE A 102 31.79 -15.78 0.31
C ILE A 102 32.97 -16.76 0.32
N ASN A 103 33.14 -17.49 1.40
CA ASN A 103 34.20 -18.50 1.47
C ASN A 103 33.99 -19.45 2.62
N SER A 104 34.87 -20.44 2.73
CA SER A 104 34.90 -21.26 3.92
C SER A 104 36.26 -21.87 4.09
N SER A 105 36.53 -22.32 5.31
CA SER A 105 37.77 -22.98 5.63
C SER A 105 37.62 -23.84 6.86
N LYS A 106 38.64 -24.67 7.06
CA LYS A 106 38.83 -25.31 8.36
C LYS A 106 39.05 -24.24 9.43
N ALA A 107 38.80 -24.63 10.66
CA ALA A 107 39.02 -23.71 11.79
C ALA A 107 39.53 -24.50 12.99
N LEU A 108 40.21 -23.80 13.90
CA LEU A 108 40.44 -24.33 15.23
C LEU A 108 39.32 -23.87 16.15
N VAL A 109 38.91 -24.72 17.08
CA VAL A 109 37.86 -24.42 18.04
C VAL A 109 38.26 -24.96 19.41
N GLY A 110 37.40 -24.77 20.39
CA GLY A 110 37.68 -25.24 21.75
C GLY A 110 37.73 -26.76 21.82
N SER A 111 38.45 -27.31 22.82
CA SER A 111 38.60 -28.77 22.95
C SER A 111 37.34 -29.47 23.47
N LYS A 112 36.46 -28.75 24.17
CA LYS A 112 35.31 -29.37 24.80
C LYS A 112 34.11 -29.44 23.86
N LYS A 113 33.51 -30.63 23.74
CA LYS A 113 32.29 -30.75 22.92
C LYS A 113 31.07 -30.36 23.70
N GLY A 114 29.97 -30.17 22.99
CA GLY A 114 28.70 -29.76 23.57
C GLY A 114 28.71 -28.27 23.93
N ASP A 115 27.95 -27.92 24.93
CA ASP A 115 27.69 -26.52 25.27
C ASP A 115 28.84 -25.87 26.00
N LYS A 116 28.96 -24.56 25.83
CA LYS A 116 29.74 -23.74 26.75
C LYS A 116 28.80 -23.33 27.86
N THR A 117 29.15 -23.65 29.10
CA THR A 117 28.34 -23.22 30.24
C THR A 117 29.15 -22.55 31.34
N LEU A 118 30.46 -22.69 31.36
CA LEU A 118 31.26 -22.16 32.44
C LEU A 118 32.52 -21.48 31.98
N GLU A 119 32.88 -20.39 32.66
CA GLU A 119 34.22 -19.85 32.53
C GLU A 119 35.25 -20.98 32.71
N GLY A 120 36.19 -21.08 31.78
CA GLY A 120 37.27 -22.05 31.83
C GLY A 120 36.97 -23.43 31.31
N ASP A 121 35.77 -23.68 30.77
CA ASP A 121 35.42 -25.02 30.31
C ASP A 121 35.93 -25.41 28.94
N LEU A 122 36.66 -24.53 28.24
CA LEU A 122 37.33 -24.82 26.96
C LEU A 122 36.39 -25.11 25.77
N ALA A 123 35.13 -24.67 25.87
CA ALA A 123 34.11 -24.98 24.88
C ALA A 123 33.78 -23.79 23.99
N THR A 124 33.72 -24.04 22.69
CA THR A 124 33.15 -23.11 21.74
C THR A 124 31.61 -23.18 21.90
N PRO A 125 30.97 -22.04 22.19
CA PRO A 125 29.51 -22.09 22.39
C PRO A 125 28.71 -22.48 21.15
N ILE A 126 27.59 -23.14 21.37
CA ILE A 126 26.61 -23.50 20.35
C ILE A 126 25.47 -22.49 20.45
N GLY A 127 24.96 -22.02 19.32
CA GLY A 127 23.89 -21.03 19.33
C GLY A 127 24.06 -19.93 18.29
N VAL A 128 23.38 -18.81 18.49
CA VAL A 128 23.42 -17.67 17.60
C VAL A 128 23.99 -16.52 18.42
N TYR A 129 25.01 -15.90 17.85
CA TYR A 129 25.76 -14.82 18.50
C TYR A 129 25.85 -13.65 17.52
N ARG A 130 26.22 -12.49 18.05
CA ARG A 130 26.41 -11.30 17.28
C ARG A 130 27.88 -10.88 17.41
N ILE A 131 28.46 -10.39 16.30
CA ILE A 131 29.77 -9.82 16.30
C ILE A 131 29.55 -8.35 16.53
N THR A 132 30.04 -7.87 17.68
CA THR A 132 29.81 -6.53 18.19
C THR A 132 30.96 -5.55 17.91
N GLN A 133 32.18 -6.07 17.74
CA GLN A 133 33.34 -5.21 17.54
C GLN A 133 34.52 -5.99 17.01
N LYS A 134 35.50 -5.24 16.51
CA LYS A 134 36.74 -5.79 16.01
C LYS A 134 37.87 -5.25 16.90
N LEU A 135 38.75 -6.13 17.35
CA LEU A 135 39.97 -5.71 18.08
C LEU A 135 41.20 -5.87 17.19
N GLU A 136 42.10 -4.89 17.24
CA GLU A 136 43.27 -4.88 16.36
C GLU A 136 44.61 -4.63 17.02
N ARG A 137 44.65 -4.52 18.36
CA ARG A 137 45.91 -4.25 19.04
C ARG A 137 46.17 -5.37 20.02
N LEU A 138 46.39 -6.56 19.47
CA LEU A 138 46.43 -7.78 20.25
C LEU A 138 47.78 -8.42 20.20
N ASP A 139 48.05 -9.24 21.21
CA ASP A 139 49.11 -10.24 21.19
C ASP A 139 49.18 -10.89 19.82
N GLN A 140 50.40 -11.09 19.31
CA GLN A 140 50.58 -11.69 17.98
C GLN A 140 49.94 -13.07 17.83
N TYR A 141 49.69 -13.77 18.95
CA TYR A 141 49.00 -15.08 18.94
C TYR A 141 47.65 -15.03 18.17
N TYR A 142 46.95 -13.89 18.29
CA TYR A 142 45.61 -13.71 17.73
C TYR A 142 45.56 -13.38 16.27
N GLY A 143 46.71 -13.17 15.66
CA GLY A 143 46.78 -12.91 14.24
C GLY A 143 46.35 -11.50 13.91
N VAL A 144 45.80 -11.31 12.71
CA VAL A 144 45.51 -9.98 12.17
C VAL A 144 44.43 -9.18 12.91
N LEU A 145 43.44 -9.87 13.49
CA LEU A 145 42.33 -9.21 14.19
C LEU A 145 41.54 -10.24 14.96
N ALA A 146 40.69 -9.76 15.84
CA ALA A 146 39.66 -10.56 16.48
C ALA A 146 38.31 -9.89 16.34
N PHE A 147 37.31 -10.64 15.86
CA PHE A 147 35.91 -10.27 15.97
C PHE A 147 35.38 -10.79 17.30
N VAL A 148 34.81 -9.90 18.10
CA VAL A 148 34.29 -10.23 19.42
C VAL A 148 32.84 -10.70 19.29
N THR A 149 32.55 -11.89 19.80
CA THR A 149 31.18 -12.38 19.88
C THR A 149 30.58 -11.95 21.20
N ASN A 150 29.26 -11.92 21.27
CA ASN A 150 28.58 -11.53 22.50
C ASN A 150 28.30 -12.69 23.45
N TYR A 151 29.07 -13.78 23.44
CA TYR A 151 28.90 -14.79 24.51
C TYR A 151 29.22 -14.12 25.87
N PRO A 152 28.42 -14.31 26.94
CA PRO A 152 27.16 -14.98 26.95
C PRO A 152 26.05 -14.09 26.39
N ASN A 153 25.27 -14.62 25.46
CA ASN A 153 24.16 -13.86 24.91
C ASN A 153 23.01 -13.87 25.93
N LEU A 154 21.87 -13.29 25.55
CA LEU A 154 20.72 -13.24 26.45
C LEU A 154 20.27 -14.64 26.90
N TYR A 155 20.14 -15.55 25.96
CA TYR A 155 19.81 -16.95 26.29
C TYR A 155 20.79 -17.59 27.29
N ASP A 156 22.08 -17.45 27.00
CA ASP A 156 23.11 -17.95 27.92
C ASP A 156 23.01 -17.28 29.28
N THR A 157 22.82 -15.97 29.26
CA THR A 157 22.70 -15.20 30.51
C THR A 157 21.50 -15.65 31.36
N LEU A 158 20.34 -15.82 30.74
CA LEU A 158 19.17 -16.26 31.51
C LEU A 158 19.27 -17.73 31.95
N LYS A 159 20.13 -18.54 31.35
CA LYS A 159 20.47 -19.87 31.87
C LYS A 159 21.63 -19.81 32.88
N LYS A 160 22.12 -18.62 33.18
CA LYS A 160 23.18 -18.37 34.15
C LYS A 160 24.48 -19.08 33.77
N ARG A 161 24.80 -19.08 32.48
CA ARG A 161 26.09 -19.58 32.01
C ARG A 161 27.12 -18.50 32.23
N THR A 162 28.38 -18.91 32.41
CA THR A 162 29.46 -17.99 32.74
C THR A 162 30.59 -18.10 31.73
N GLY A 163 31.55 -17.21 31.85
CA GLY A 163 32.62 -17.06 30.89
C GLY A 163 32.43 -15.81 30.04
N HIS A 164 33.42 -15.55 29.21
CA HIS A 164 33.45 -14.34 28.42
C HIS A 164 34.53 -14.48 27.36
N GLY A 165 34.61 -13.50 26.48
CA GLY A 165 35.75 -13.39 25.57
C GLY A 165 35.87 -14.48 24.52
N ILE A 166 34.74 -14.87 23.96
CA ILE A 166 34.75 -15.77 22.79
C ILE A 166 34.86 -14.94 21.51
N TRP A 167 35.98 -15.10 20.79
CA TRP A 167 36.27 -14.35 19.58
C TRP A 167 36.45 -15.25 18.38
N VAL A 168 36.26 -14.68 17.18
CA VAL A 168 36.70 -15.24 15.94
C VAL A 168 37.96 -14.48 15.61
N HIS A 169 39.11 -15.16 15.52
CA HIS A 169 40.41 -14.49 15.32
C HIS A 169 41.31 -15.27 14.37
N GLY A 170 42.53 -14.80 14.19
CA GLY A 170 43.45 -15.36 13.21
C GLY A 170 44.49 -16.26 13.84
N MET A 171 45.54 -16.61 13.08
CA MET A 171 46.61 -17.53 13.53
C MET A 171 47.86 -16.74 13.88
N PRO A 172 48.72 -17.28 14.78
CA PRO A 172 49.81 -16.49 15.32
C PRO A 172 50.71 -15.85 14.26
N LEU A 173 51.03 -14.57 14.43
CA LEU A 173 51.73 -13.82 13.38
C LEU A 173 53.16 -14.34 13.18
N ASN A 174 53.82 -14.79 14.24
CA ASN A 174 55.15 -15.41 14.12
C ASN A 174 55.18 -16.77 13.39
N GLY A 175 54.01 -17.24 12.92
CA GLY A 175 53.92 -18.47 12.16
C GLY A 175 53.88 -19.71 13.04
N ASP A 176 53.85 -19.57 14.36
CA ASP A 176 53.72 -20.72 15.25
C ASP A 176 52.39 -21.44 15.03
N ARG A 177 52.44 -22.77 15.03
CA ARG A 177 51.26 -23.60 14.97
C ARG A 177 51.41 -24.70 16.03
N ASN A 178 51.39 -24.29 17.30
CA ASN A 178 51.62 -25.19 18.46
C ASN A 178 50.37 -25.67 19.20
N GLU A 179 49.19 -25.51 18.59
CA GLU A 179 47.97 -25.99 19.23
C GLU A 179 47.01 -26.56 18.20
N LEU A 180 46.29 -27.59 18.62
CA LEU A 180 45.22 -28.20 17.87
C LEU A 180 43.86 -27.61 18.22
N ASN A 181 43.74 -27.05 19.42
CA ASN A 181 42.52 -26.44 19.90
C ASN A 181 42.79 -25.12 20.58
N THR A 182 41.79 -24.26 20.55
CA THR A 182 41.77 -23.05 21.33
C THR A 182 41.15 -23.34 22.71
N LYS A 183 41.00 -22.29 23.51
CA LYS A 183 40.21 -22.36 24.74
C LYS A 183 38.73 -21.98 24.57
N GLY A 184 38.23 -21.94 23.34
CA GLY A 184 36.85 -21.55 23.06
C GLY A 184 36.67 -20.64 21.86
N ILE A 186 37.32 -19.24 17.96
CA ILE A 186 37.34 -19.85 16.64
C ILE A 186 38.45 -19.12 15.91
N ALA A 187 39.43 -19.87 15.37
CA ALA A 187 40.59 -19.30 14.74
C ALA A 187 40.71 -19.85 13.30
N ILE A 188 40.99 -18.95 12.35
CA ILE A 188 41.22 -19.27 10.95
C ILE A 188 42.46 -18.54 10.42
N GLU A 189 42.85 -18.83 9.19
CA GLU A 189 44.07 -18.25 8.62
C GLU A 189 43.90 -16.76 8.42
N ASN A 190 45.00 -16.04 8.61
CA ASN A 190 44.98 -14.57 8.55
C ASN A 190 44.55 -13.91 7.22
N PRO A 191 45.01 -14.42 6.08
CA PRO A 191 44.59 -13.82 4.81
C PRO A 191 43.09 -13.92 4.58
N LEU A 192 42.53 -15.07 4.91
CA LEU A 192 41.08 -15.27 4.73
C LEU A 192 40.32 -14.36 5.68
N LEU A 193 40.79 -14.27 6.92
CA LEU A 193 40.12 -13.46 7.91
C LEU A 193 40.11 -11.98 7.49
N SER A 194 41.23 -11.50 6.96
CA SER A 194 41.32 -10.14 6.42
C SER A 194 40.35 -9.90 5.28
N SER A 195 40.23 -10.89 4.38
CA SER A 195 39.26 -10.79 3.28
C SER A 195 37.82 -10.65 3.81
N TYR A 196 37.50 -11.39 4.87
CA TYR A 196 36.20 -11.21 5.51
C TYR A 196 36.02 -9.82 6.09
N ASP A 197 37.03 -9.29 6.77
CA ASP A 197 36.95 -7.94 7.34
C ASP A 197 36.68 -6.90 6.25
N LYS A 198 37.31 -7.09 5.09
CA LYS A 198 37.14 -6.18 3.95
C LYS A 198 35.73 -6.22 3.35
N VAL A 199 35.08 -7.38 3.38
CA VAL A 199 33.68 -7.49 2.94
C VAL A 199 32.76 -6.81 3.95
N LEU A 200 33.00 -7.06 5.23
CA LEU A 200 32.17 -6.50 6.32
C LEU A 200 32.13 -4.99 6.39
N LYS A 201 33.29 -4.38 6.19
CA LYS A 201 33.41 -2.92 6.18
C LYS A 201 32.75 -2.35 7.42
N GLY A 202 33.09 -2.93 8.57
CA GLY A 202 32.63 -2.44 9.85
C GLY A 202 31.22 -2.80 10.27
N GLU A 203 30.48 -3.54 9.45
CA GLU A 203 29.11 -3.95 9.83
C GLU A 203 29.12 -5.05 10.92
N LYS A 204 28.05 -5.12 11.68
CA LYS A 204 27.81 -6.27 12.56
C LYS A 204 27.51 -7.51 11.70
N ALA A 205 27.73 -8.66 12.30
CA ALA A 205 27.47 -9.94 11.64
C ALA A 205 26.83 -10.81 12.70
N PHE A 206 26.14 -11.85 12.24
CA PHE A 206 25.68 -12.92 13.09
C PHE A 206 26.66 -14.06 12.99
N LEU A 207 26.68 -14.90 14.02
CA LEU A 207 27.43 -16.13 14.00
C LEU A 207 26.47 -17.23 14.42
N ILE A 208 26.35 -18.28 13.60
CA ILE A 208 25.57 -19.46 13.96
C ILE A 208 26.57 -20.56 14.16
N THR A 209 26.56 -21.16 15.34
CA THR A 209 27.50 -22.23 15.64
C THR A 209 26.70 -23.46 16.04
N TYR A 210 27.01 -24.57 15.40
CA TYR A 210 26.39 -25.85 15.62
C TYR A 210 27.44 -26.94 15.74
N GLU A 211 27.00 -28.08 16.22
CA GLU A 211 27.80 -29.25 16.40
C GLU A 211 27.17 -30.43 15.65
N ASP A 212 27.96 -31.15 14.89
CA ASP A 212 27.56 -32.33 14.15
C ASP A 212 26.62 -32.14 13.00
N LYS A 213 25.41 -31.70 13.29
CA LYS A 213 24.42 -31.51 12.27
C LYS A 213 23.59 -30.26 12.44
N PHE A 214 23.38 -29.53 11.38
CA PHE A 214 22.58 -28.32 11.41
C PHE A 214 21.16 -28.63 10.95
N PHE A 215 20.17 -28.13 11.69
CA PHE A 215 18.77 -28.31 11.37
C PHE A 215 18.19 -26.93 10.99
N PRO A 216 18.08 -26.67 9.68
CA PRO A 216 17.73 -25.34 9.23
C PRO A 216 16.29 -24.97 9.55
N SER A 217 16.01 -23.68 9.50
CA SER A 217 14.67 -23.18 9.68
C SER A 217 13.93 -23.50 8.38
N THR A 218 12.74 -24.10 8.48
CA THR A 218 11.90 -24.33 7.31
C THR A 218 11.01 -23.12 7.04
N LYS A 219 10.53 -23.00 5.81
CA LYS A 219 9.66 -21.88 5.44
C LYS A 219 8.35 -21.91 6.24
N GLU A 220 7.83 -23.11 6.50
CA GLU A 220 6.68 -23.28 7.38
C GLU A 220 6.94 -22.71 8.79
N GLU A 221 8.08 -23.04 9.39
CA GLU A 221 8.46 -22.49 10.70
C GLU A 221 8.60 -20.98 10.67
N LEU A 222 9.26 -20.43 9.67
CA LEU A 222 9.41 -18.97 9.62
C LEU A 222 8.03 -18.31 9.43
N SER A 223 7.13 -18.93 8.64
CA SER A 223 5.77 -18.41 8.47
C SER A 223 4.97 -18.40 9.75
N MET A 224 5.09 -19.47 10.54
CA MET A 224 4.43 -19.55 11.83
C MET A 224 4.96 -18.50 12.80
N ILE A 225 6.28 -18.32 12.85
CA ILE A 225 6.92 -17.32 13.73
C ILE A 225 6.55 -15.88 13.32
N LEU A 226 6.68 -15.55 12.04
CA LEU A 226 6.38 -14.21 11.61
C LEU A 226 4.89 -13.84 11.76
N SER A 227 3.97 -14.75 11.48
CA SER A 227 2.55 -14.43 11.67
C SER A 227 2.25 -14.29 13.17
N SER A 228 2.80 -15.19 13.96
CA SER A 228 2.67 -15.07 15.39
C SER A 228 3.21 -13.77 15.97
N LEU A 229 4.34 -13.31 15.43
CA LEU A 229 5.02 -12.11 15.92
C LEU A 229 4.06 -10.91 15.78
N PHE A 230 3.41 -10.85 14.65
CA PHE A 230 2.50 -9.74 14.40
C PHE A 230 1.17 -9.89 15.14
N GLN A 231 0.68 -11.11 15.30
CA GLN A 231 -0.46 -11.34 16.18
C GLN A 231 -0.17 -10.91 17.62
N TRP A 232 1.00 -11.30 18.12
CA TRP A 232 1.44 -10.94 19.47
C TRP A 232 1.51 -9.42 19.65
N LYS A 233 2.09 -8.75 18.67
CA LYS A 233 2.21 -7.30 18.67
C LYS A 233 0.82 -6.61 18.74
N GLU A 234 -0.13 -7.07 17.96
CA GLU A 234 -1.45 -6.46 17.98
C GLU A 234 -2.28 -6.79 19.20
N ALA A 235 -2.12 -7.98 19.75
CA ALA A 235 -2.76 -8.31 21.02
C ALA A 235 -2.18 -7.41 22.12
N TRP A 236 -0.87 -7.18 22.05
CA TRP A 236 -0.18 -6.26 22.98
C TRP A 236 -0.72 -4.84 22.85
N ALA A 237 -0.67 -4.30 21.64
CA ALA A 237 -1.07 -2.93 21.41
C ALA A 237 -2.55 -2.66 21.75
N ARG A 238 -3.44 -3.60 21.44
CA ARG A 238 -4.88 -3.38 21.66
C ARG A 238 -5.31 -3.78 23.07
N GLY A 239 -4.42 -4.35 23.86
CA GLY A 239 -4.74 -4.64 25.24
C GLY A 239 -5.53 -5.90 25.49
N ASP A 240 -5.46 -6.85 24.54
CA ASP A 240 -6.07 -8.16 24.74
C ASP A 240 -5.22 -9.08 25.64
N PHE A 241 -5.48 -9.02 26.94
CA PHE A 241 -4.69 -9.76 27.93
C PHE A 241 -4.62 -11.27 27.71
N GLU A 242 -5.76 -11.91 27.50
CA GLU A 242 -5.77 -13.35 27.26
C GLU A 242 -4.94 -13.74 26.03
N ARG A 243 -5.12 -13.03 24.92
CA ARG A 243 -4.44 -13.41 23.67
C ARG A 243 -2.94 -13.17 23.74
N TYR A 244 -2.54 -12.05 24.33
CA TYR A 244 -1.13 -11.74 24.60
C TYR A 244 -0.47 -12.85 25.40
N MET A 245 -1.11 -13.22 26.51
CA MET A 245 -0.54 -14.20 27.42
C MET A 245 -0.39 -15.59 26.84
N ARG A 246 -1.23 -15.95 25.89
CA ARG A 246 -1.15 -17.26 25.26
C ARG A 246 0.16 -17.45 24.47
N PHE A 247 0.80 -16.37 24.03
CA PHE A 247 2.09 -16.47 23.35
C PHE A 247 3.26 -16.82 24.26
N TYR A 248 3.10 -16.70 25.58
CA TYR A 248 4.22 -16.95 26.51
C TYR A 248 4.24 -18.36 27.01
N ASN A 249 5.42 -18.98 26.97
CA ASN A 249 5.63 -20.29 27.53
C ASN A 249 5.57 -20.21 29.05
N PRO A 250 4.97 -21.22 29.73
CA PRO A 250 5.01 -21.24 31.20
C PRO A 250 6.42 -21.18 31.83
N ASN A 251 7.45 -21.68 31.13
CA ASN A 251 8.86 -21.49 31.54
C ASN A 251 9.45 -20.09 31.25
N PHE A 252 8.64 -19.13 30.77
CA PHE A 252 9.14 -17.82 30.36
C PHE A 252 10.01 -17.13 31.41
N THR A 253 11.10 -16.54 30.91
CA THR A 253 11.95 -15.65 31.68
C THR A 253 12.19 -14.35 30.93
N ARG A 254 11.90 -13.24 31.59
CA ARG A 254 12.21 -11.93 31.04
C ARG A 254 13.68 -11.58 31.24
N TYR A 255 14.19 -10.65 30.45
CA TYR A 255 15.62 -10.26 30.48
C TYR A 255 16.14 -9.90 31.85
N ASP A 256 15.27 -9.39 32.73
CA ASP A 256 15.67 -8.99 34.07
C ASP A 256 15.47 -10.09 35.12
N GLY A 257 15.15 -11.30 34.69
CA GLY A 257 14.94 -12.43 35.58
C GLY A 257 13.48 -12.67 35.97
N MET A 258 12.57 -11.75 35.66
CA MET A 258 11.16 -11.96 35.99
C MET A 258 10.60 -13.22 35.32
N LYS A 259 9.92 -14.07 36.10
CA LYS A 259 9.33 -15.30 35.62
C LYS A 259 7.86 -15.15 35.29
N PHE A 260 7.26 -16.20 34.74
CA PHE A 260 5.90 -16.17 34.15
C PHE A 260 4.80 -15.60 35.08
N ASN A 261 4.80 -16.04 36.33
CA ASN A 261 3.73 -15.66 37.27
C ASN A 261 3.74 -14.20 37.64
N ALA A 262 4.89 -13.68 38.06
CA ALA A 262 5.03 -12.24 38.29
C ALA A 262 4.75 -11.44 37.01
N PHE A 263 5.21 -11.95 35.87
CA PHE A 263 5.00 -11.29 34.59
C PHE A 263 3.51 -11.15 34.27
N LYS A 264 2.80 -12.27 34.38
CA LYS A 264 1.37 -12.31 34.06
C LYS A 264 0.57 -11.37 34.98
N GLU A 265 0.84 -11.44 36.28
CA GLU A 265 0.21 -10.62 37.30
C GLU A 265 0.41 -9.13 37.00
N TYR A 266 1.66 -8.76 36.76
CA TYR A 266 2.00 -7.39 36.35
C TYR A 266 1.26 -6.94 35.06
N LYS A 267 1.34 -7.75 34.02
CA LYS A 267 0.70 -7.42 32.74
C LYS A 267 -0.82 -7.33 32.83
N LYS A 268 -1.43 -8.18 33.65
CA LYS A 268 -2.87 -8.08 33.94
C LYS A 268 -3.26 -6.67 34.40
N ARG A 269 -2.53 -6.14 35.38
CA ARG A 269 -2.71 -4.78 35.89
C ARG A 269 -2.55 -3.70 34.81
N VAL A 270 -1.46 -3.81 34.04
CA VAL A 270 -1.13 -2.83 32.99
C VAL A 270 -2.21 -2.82 31.92
N PHE A 271 -2.69 -3.99 31.55
CA PHE A 271 -3.66 -4.12 30.46
C PHE A 271 -5.02 -3.59 30.91
N ALA A 272 -5.38 -3.84 32.17
CA ALA A 272 -6.62 -3.28 32.76
C ALA A 272 -6.72 -1.74 32.66
N LYS A 273 -5.60 -1.02 32.61
CA LYS A 273 -5.61 0.44 32.39
C LYS A 273 -6.15 0.89 31.04
N ASN A 274 -6.14 0.01 30.03
CA ASN A 274 -6.58 0.34 28.67
C ASN A 274 -5.96 1.59 28.04
N GLU A 275 -4.64 1.76 28.13
CA GLU A 275 -4.00 2.84 27.35
C GLU A 275 -3.96 2.49 25.89
N LYS A 276 -4.12 3.48 25.02
CA LYS A 276 -3.89 3.29 23.60
C LYS A 276 -2.38 3.17 23.34
N LYS A 277 -1.98 2.19 22.54
CA LYS A 277 -0.58 1.99 22.16
C LYS A 277 -0.51 1.80 20.65
N ASN A 278 0.53 2.36 20.05
CA ASN A 278 0.94 2.03 18.69
C ASN A 278 2.34 1.43 18.73
N ILE A 279 2.49 0.21 18.18
CA ILE A 279 3.76 -0.53 18.17
C ILE A 279 4.13 -0.94 16.73
N ALA A 280 5.39 -0.72 16.34
CA ALA A 280 5.85 -1.15 15.03
C ALA A 280 7.19 -1.87 15.10
N PHE A 281 7.30 -3.00 14.38
CA PHE A 281 8.54 -3.80 14.28
C PHE A 281 9.20 -3.67 12.90
N SER A 282 10.50 -3.36 12.89
CA SER A 282 11.28 -3.26 11.67
C SER A 282 12.69 -3.89 11.82
N SER A 283 13.44 -3.96 10.72
CA SER A 283 14.72 -4.71 10.65
C SER A 283 14.65 -6.06 11.36
N ILE A 284 13.65 -6.84 10.99
CA ILE A 284 13.38 -8.10 11.63
C ILE A 284 14.28 -9.22 11.11
N ASN A 285 14.90 -9.95 12.03
CA ASN A 285 15.59 -11.20 11.71
C ASN A 285 15.03 -12.33 12.58
N VAL A 286 14.84 -13.51 11.99
CA VAL A 286 14.43 -14.72 12.68
C VAL A 286 15.42 -15.80 12.32
N ILE A 287 16.12 -16.36 13.31
CA ILE A 287 17.28 -17.20 13.08
C ILE A 287 17.14 -18.50 13.86
N PRO A 288 17.28 -19.65 13.18
CA PRO A 288 17.23 -20.91 13.91
C PRO A 288 18.37 -20.98 14.92
N TYR A 289 18.09 -21.50 16.11
CA TYR A 289 19.01 -21.42 17.21
C TYR A 289 19.48 -22.83 17.56
N PRO A 290 20.72 -23.22 17.14
CA PRO A 290 21.16 -24.57 17.47
C PRO A 290 21.31 -24.78 18.96
N ASN A 291 20.90 -25.95 19.41
CA ASN A 291 20.95 -26.29 20.83
C ASN A 291 21.12 -27.78 21.05
N SER A 292 21.69 -28.12 22.20
CA SER A 292 22.07 -29.49 22.55
C SER A 292 20.87 -30.42 22.62
N GLN A 293 19.72 -29.92 23.05
CA GLN A 293 18.50 -30.73 23.06
C GLN A 293 17.84 -30.87 21.69
N ASN A 294 18.36 -30.18 20.67
CA ASN A 294 17.71 -30.06 19.35
C ASN A 294 16.21 -29.64 19.36
N LYS A 295 15.81 -28.87 20.38
CA LYS A 295 14.49 -28.24 20.39
C LYS A 295 14.42 -27.30 19.22
N ARG A 296 13.21 -27.03 18.73
CA ARG A 296 13.04 -26.04 17.66
C ARG A 296 12.99 -24.65 18.28
N LEU A 297 14.19 -24.09 18.51
CA LEU A 297 14.34 -22.74 19.05
C LEU A 297 14.73 -21.76 17.97
N PHE A 298 14.26 -20.51 18.11
CA PHE A 298 14.57 -19.43 17.22
C PHE A 298 14.90 -18.16 17.98
N TYR A 299 15.87 -17.41 17.46
CA TYR A 299 16.20 -16.10 17.99
C TYR A 299 15.55 -15.08 17.08
N VAL A 300 14.80 -14.14 17.66
CA VAL A 300 14.17 -13.10 16.88
C VAL A 300 14.71 -11.76 17.38
N VAL A 301 15.19 -10.94 16.46
CA VAL A 301 15.72 -9.65 16.81
C VAL A 301 15.15 -8.62 15.85
N PHE A 302 14.75 -7.48 16.40
CA PHE A 302 14.10 -6.41 15.62
C PHE A 302 14.16 -5.07 16.32
N ASP A 303 14.02 -4.00 15.54
CA ASP A 303 13.83 -2.65 16.07
C ASP A 303 12.37 -2.42 16.36
N GLN A 304 12.08 -1.83 17.51
CA GLN A 304 10.71 -1.60 17.94
C GLN A 304 10.48 -0.11 18.18
N ASP A 305 9.38 0.41 17.60
CA ASP A 305 8.91 1.76 17.85
C ASP A 305 7.63 1.61 18.66
N TYR A 306 7.66 2.12 19.90
CA TYR A 306 6.57 1.93 20.83
C TYR A 306 6.10 3.30 21.30
N LYS A 307 4.80 3.51 21.25
CA LYS A 307 4.17 4.77 21.69
C LYS A 307 2.95 4.46 22.46
N ALA A 308 2.79 5.13 23.61
CA ALA A 308 1.61 4.98 24.45
C ALA A 308 0.97 6.36 24.64
N TYR A 309 -0.34 6.36 24.87
CA TYR A 309 -1.11 7.60 24.94
C TYR A 309 -1.99 7.57 26.17
N GLN A 310 -2.23 8.75 26.74
CA GLN A 310 -3.23 8.93 27.81
C GLN A 310 -4.15 10.08 27.42
N HIS A 311 -5.44 9.81 27.27
CA HIS A 311 -6.42 10.80 26.83
C HIS A 311 -5.89 11.49 25.58
N ASN A 312 -5.56 10.68 24.58
CA ASN A 312 -5.01 11.16 23.31
C ASN A 312 -3.75 12.03 23.32
N LYS A 313 -3.03 12.04 24.44
CA LYS A 313 -1.73 12.68 24.48
C LYS A 313 -0.66 11.62 24.68
N LEU A 314 0.45 11.77 23.96
CA LEU A 314 1.59 10.85 24.04
C LEU A 314 2.09 10.90 25.45
N SER A 315 2.06 9.76 26.14
CA SER A 315 2.59 9.65 27.50
C SER A 315 3.96 8.96 27.60
N TYR A 316 4.31 8.11 26.64
CA TYR A 316 5.54 7.32 26.69
C TYR A 316 5.96 7.01 25.24
N SER A 317 7.26 7.12 24.96
CA SER A 317 7.79 6.63 23.68
C SER A 317 9.16 6.03 23.80
N SER A 318 9.40 4.99 23.00
CA SER A 318 10.73 4.38 22.93
C SER A 318 11.08 3.82 21.57
N ASN A 319 12.38 3.78 21.32
CA ASN A 319 12.95 3.08 20.15
C ASN A 319 14.04 2.20 20.68
N SER A 320 13.87 0.88 20.50
CA SER A 320 14.72 -0.10 21.18
C SER A 320 15.00 -1.29 20.29
N GLN A 321 16.04 -2.02 20.64
CA GLN A 321 16.29 -3.33 20.04
C GLN A 321 15.65 -4.44 20.85
N LYS A 322 14.68 -5.14 20.28
CA LYS A 322 14.04 -6.25 20.99
C LYS A 322 14.71 -7.56 20.65
N GLU A 323 14.68 -8.49 21.59
CA GLU A 323 15.09 -9.86 21.39
C GLU A 323 14.02 -10.79 21.96
N LEU A 324 13.66 -11.82 21.20
CA LEU A 324 12.90 -12.94 21.69
C LEU A 324 13.62 -14.21 21.41
N TYR A 325 13.48 -15.17 22.31
CA TYR A 325 13.76 -16.54 21.97
C TYR A 325 12.39 -17.24 21.98
N ILE A 326 12.15 -18.00 20.91
CA ILE A 326 10.87 -18.63 20.63
C ILE A 326 11.12 -20.12 20.44
N GLU A 327 10.18 -20.94 20.93
CA GLU A 327 10.15 -22.36 20.66
C GLU A 327 8.90 -22.74 19.85
N ILE A 328 9.08 -23.70 18.93
CA ILE A 328 7.95 -24.37 18.27
C ILE A 328 7.92 -25.77 18.85
N GLU A 329 6.82 -26.10 19.52
CA GLU A 329 6.64 -27.41 20.12
C GLU A 329 5.16 -27.75 20.02
N ASN A 330 4.84 -29.00 19.67
CA ASN A 330 3.45 -29.41 19.46
C ASN A 330 2.73 -28.47 18.51
N ASN A 331 3.45 -28.09 17.46
CA ASN A 331 2.97 -27.19 16.45
C ASN A 331 2.43 -25.84 16.98
N GLN A 332 3.01 -25.33 18.06
CA GLN A 332 2.62 -24.04 18.67
C GLN A 332 3.86 -23.16 18.90
N VAL A 333 3.76 -21.87 18.55
CA VAL A 333 4.82 -20.89 18.83
C VAL A 333 4.68 -20.41 20.27
N SER A 334 5.77 -20.39 21.04
CA SER A 334 5.73 -19.79 22.36
C SER A 334 7.02 -19.00 22.65
N ILE A 335 6.90 -17.92 23.41
CA ILE A 335 8.02 -17.08 23.82
C ILE A 335 8.62 -17.64 25.10
N ILE A 336 9.88 -18.04 25.04
CA ILE A 336 10.55 -18.53 26.24
C ILE A 336 11.38 -17.44 26.94
N MET A 337 11.80 -16.42 26.20
CA MET A 337 12.56 -15.31 26.78
C MET A 337 12.30 -14.06 25.96
N GLU A 338 12.36 -12.89 26.63
CA GLU A 338 12.11 -11.59 26.01
C GLU A 338 12.95 -10.51 26.70
N LYS A 339 13.61 -9.73 25.85
CA LYS A 339 14.13 -8.42 26.16
C LYS A 339 13.32 -7.43 25.36
N LEU B 24 6.92 -11.16 -10.35
CA LEU B 24 8.25 -10.46 -10.27
C LEU B 24 8.14 -9.16 -9.46
N ASN B 25 7.62 -8.12 -10.10
CA ASN B 25 7.54 -6.81 -9.47
C ASN B 25 6.33 -6.74 -8.53
N ALA B 26 5.33 -7.61 -8.70
CA ALA B 26 4.18 -7.67 -7.77
C ALA B 26 4.61 -8.03 -6.33
N SER B 27 5.41 -9.08 -6.18
CA SER B 27 6.03 -9.42 -4.87
C SER B 27 6.89 -8.28 -4.29
N ASP B 28 7.69 -7.64 -5.15
CA ASP B 28 8.54 -6.51 -4.74
C ASP B 28 7.71 -5.27 -4.31
N ARG B 29 6.67 -4.94 -5.08
CA ARG B 29 5.83 -3.79 -4.78
C ARG B 29 5.07 -3.96 -3.46
N LEU B 30 4.60 -5.18 -3.21
CA LEU B 30 3.90 -5.50 -1.96
C LEU B 30 4.86 -5.38 -0.80
N LEU B 31 6.04 -5.98 -0.92
CA LEU B 31 7.08 -5.97 0.14
C LEU B 31 7.43 -4.54 0.49
N GLU B 32 7.65 -3.70 -0.53
CA GLU B 32 7.95 -2.28 -0.29
C GLU B 32 6.91 -1.58 0.59
N ILE B 33 5.62 -1.77 0.25
CA ILE B 33 4.51 -1.24 1.02
C ILE B 33 4.58 -1.79 2.44
N MET B 34 4.73 -3.12 2.58
CA MET B 34 4.70 -3.76 3.89
C MET B 34 5.84 -3.29 4.78
N ARG B 35 7.05 -3.16 4.22
CA ARG B 35 8.20 -2.63 4.98
C ARG B 35 8.01 -1.19 5.40
N LEU B 36 7.51 -0.39 4.46
CA LEU B 36 7.27 1.00 4.70
C LEU B 36 6.24 1.23 5.80
N TYR B 37 5.18 0.43 5.79
CA TYR B 37 4.13 0.53 6.82
C TYR B 37 4.73 0.40 8.25
N GLN B 38 5.59 -0.59 8.45
CA GLN B 38 6.18 -0.80 9.79
C GLN B 38 7.33 0.12 10.09
N LYS B 39 8.16 0.47 9.10
CA LYS B 39 9.34 1.31 9.33
C LYS B 39 9.00 2.80 9.44
N GLN B 40 8.16 3.30 8.53
CA GLN B 40 7.77 4.74 8.52
C GLN B 40 6.31 5.08 8.82
N GLY B 41 5.41 4.10 8.87
CA GLY B 41 4.02 4.37 9.25
C GLY B 41 3.02 4.46 8.09
N LEU B 42 1.74 4.46 8.46
CA LEU B 42 0.62 4.39 7.54
C LEU B 42 0.52 5.61 6.60
N GLU B 43 0.97 6.77 7.07
CA GLU B 43 0.91 7.98 6.27
C GLU B 43 1.81 7.86 5.05
N MET B 44 3.00 7.32 5.24
CA MET B 44 3.89 7.11 4.11
C MET B 44 3.37 6.01 3.18
N VAL B 45 2.64 5.02 3.71
CA VAL B 45 1.93 4.07 2.86
C VAL B 45 0.96 4.83 1.93
N GLY B 46 0.15 5.71 2.53
CA GLY B 46 -0.76 6.57 1.75
C GLY B 46 -0.09 7.37 0.65
N GLN B 47 1.05 7.99 0.96
CA GLN B 47 1.89 8.69 -0.02
C GLN B 47 2.44 7.81 -1.12
N LYS B 48 2.79 6.58 -0.75
CA LYS B 48 3.26 5.61 -1.73
C LYS B 48 2.11 5.26 -2.73
N LEU B 49 0.91 5.04 -2.23
CA LEU B 49 -0.23 4.67 -3.06
C LEU B 49 -0.61 5.83 -3.97
N ASP B 50 -0.50 7.05 -3.44
CA ASP B 50 -0.66 8.28 -4.25
C ASP B 50 0.34 8.37 -5.40
N SER B 51 1.61 8.03 -5.17
CA SER B 51 2.59 8.02 -6.28
C SER B 51 2.22 7.04 -7.42
N TYR B 52 1.56 5.92 -7.09
CA TYR B 52 1.03 5.02 -8.10
C TYR B 52 -0.12 5.67 -8.89
N LEU B 53 -1.05 6.33 -8.20
CA LEU B 53 -2.22 6.98 -8.84
C LEU B 53 -1.80 8.13 -9.77
N ALA B 54 -0.63 8.72 -9.49
CA ALA B 54 -0.04 9.76 -10.33
C ALA B 54 0.80 9.23 -11.51
N ASP B 55 0.90 7.92 -11.67
CA ASP B 55 1.78 7.32 -12.69
C ASP B 55 0.95 6.82 -13.86
N LYS B 56 1.20 7.34 -15.05
CA LYS B 56 0.50 6.87 -16.26
C LYS B 56 0.61 5.35 -16.47
N SER B 57 1.79 4.77 -16.24
CA SER B 57 1.93 3.34 -16.49
C SER B 57 1.13 2.52 -15.48
N PHE B 58 0.89 3.05 -14.27
CA PHE B 58 -0.03 2.36 -13.34
C PHE B 58 -1.43 2.26 -13.94
N TRP B 59 -1.93 3.37 -14.46
CA TRP B 59 -3.29 3.39 -15.03
C TRP B 59 -3.36 2.53 -16.29
N ALA B 60 -2.29 2.54 -17.10
CA ALA B 60 -2.23 1.73 -18.33
C ALA B 60 -2.43 0.26 -18.01
N GLU B 61 -1.67 -0.23 -17.02
CA GLU B 61 -1.86 -1.58 -16.51
C GLU B 61 -3.26 -1.80 -15.97
N GLU B 62 -3.70 -0.95 -15.05
CA GLU B 62 -5.04 -1.05 -14.44
C GLU B 62 -6.20 -1.05 -15.46
N LEU B 63 -6.07 -0.28 -16.53
CA LEU B 63 -7.17 -0.16 -17.52
C LEU B 63 -7.19 -1.27 -18.58
N GLN B 64 -6.09 -2.02 -18.74
CA GLN B 64 -5.84 -2.80 -19.98
C GLN B 64 -6.89 -3.83 -20.41
N ASN B 65 -7.62 -4.44 -19.48
CA ASN B 65 -8.72 -5.34 -19.89
C ASN B 65 -10.10 -4.78 -19.56
N LYS B 66 -10.22 -3.45 -19.48
CA LYS B 66 -11.52 -2.82 -19.18
C LYS B 66 -12.21 -2.34 -20.44
N ASP B 67 -13.53 -2.25 -20.36
CA ASP B 67 -14.33 -1.64 -21.41
C ASP B 67 -14.27 -0.11 -21.28
N THR B 68 -13.37 0.52 -22.02
CA THR B 68 -13.05 1.95 -21.81
C THR B 68 -13.65 2.95 -22.80
N ASP B 69 -14.39 2.48 -23.82
CA ASP B 69 -14.82 3.37 -24.92
C ASP B 69 -15.67 4.57 -24.47
N PHE B 70 -16.53 4.35 -23.48
CA PHE B 70 -17.36 5.42 -22.95
C PHE B 70 -16.78 6.08 -21.69
N GLY B 71 -15.55 5.75 -21.34
CA GLY B 71 -14.81 6.41 -20.28
C GLY B 71 -14.46 5.49 -19.13
N TYR B 72 -13.89 6.12 -18.09
CA TYR B 72 -13.50 5.48 -16.85
C TYR B 72 -14.56 5.81 -15.80
N TYR B 73 -14.99 4.78 -15.06
CA TYR B 73 -16.02 4.90 -14.04
C TYR B 73 -15.55 4.13 -12.80
N GLN B 74 -15.09 4.85 -11.79
CA GLN B 74 -14.51 4.21 -10.62
C GLN B 74 -15.50 3.25 -9.94
N ASN B 75 -16.72 3.70 -9.70
CA ASN B 75 -17.72 2.88 -9.02
C ASN B 75 -18.79 2.50 -10.03
N LYS B 76 -19.83 1.80 -9.55
CA LYS B 76 -20.94 1.39 -10.40
C LYS B 76 -21.65 2.60 -10.89
N GLN B 77 -22.02 2.60 -12.16
CA GLN B 77 -22.72 3.73 -12.77
C GLN B 77 -23.58 3.20 -13.90
N PHE B 78 -24.52 4.02 -14.32
CA PHE B 78 -25.45 3.71 -15.40
C PHE B 78 -25.28 4.74 -16.50
N LEU B 79 -25.33 4.29 -17.75
CA LEU B 79 -25.03 5.14 -18.89
C LEU B 79 -26.05 5.00 -20.01
N PHE B 80 -26.72 6.11 -20.36
CA PHE B 80 -27.42 6.22 -21.63
C PHE B 80 -26.49 6.75 -22.72
N VAL B 81 -26.59 6.20 -23.92
CA VAL B 81 -25.82 6.66 -25.07
C VAL B 81 -26.83 6.93 -26.18
N ALA B 82 -26.90 8.18 -26.63
CA ALA B 82 -27.84 8.58 -27.69
C ALA B 82 -27.06 9.02 -28.93
N ASN B 83 -27.46 8.45 -30.07
CA ASN B 83 -26.97 8.84 -31.37
C ASN B 83 -28.10 9.66 -31.98
N LYS B 84 -27.87 10.95 -32.12
CA LYS B 84 -28.83 11.90 -32.63
C LYS B 84 -29.19 11.64 -34.05
N SER B 85 -28.19 11.29 -34.82
CA SER B 85 -28.41 11.03 -36.22
C SER B 85 -29.24 9.81 -36.59
N LYS B 86 -29.08 8.71 -35.86
CA LYS B 86 -29.81 7.53 -36.25
C LYS B 86 -31.33 7.54 -36.30
N PRO B 87 -32.15 7.98 -35.26
CA PRO B 87 -31.52 8.19 -33.96
C PRO B 87 -31.81 6.97 -33.07
N SER B 88 -30.95 6.74 -32.10
CA SER B 88 -31.04 5.60 -31.17
C SER B 88 -30.70 5.98 -29.74
N LEU B 89 -31.12 5.11 -28.82
CA LEU B 89 -30.84 5.22 -27.40
C LEU B 89 -30.44 3.86 -26.84
N GLU B 90 -29.20 3.74 -26.39
CA GLU B 90 -28.67 2.53 -25.73
C GLU B 90 -28.59 2.80 -24.23
N PHE B 91 -28.66 1.73 -23.43
CA PHE B 91 -28.60 1.84 -21.96
C PHE B 91 -27.67 0.76 -21.43
N TYR B 92 -26.80 1.16 -20.50
CA TYR B 92 -25.73 0.33 -19.98
C TYR B 92 -25.64 0.37 -18.46
N GLU B 93 -25.18 -0.75 -17.91
CA GLU B 93 -24.71 -0.86 -16.55
C GLU B 93 -23.22 -0.89 -16.67
N ILE B 94 -22.52 -0.20 -15.76
CA ILE B 94 -21.05 -0.21 -15.75
C ILE B 94 -20.56 -0.53 -14.33
N GLU B 95 -19.96 -1.68 -14.18
CA GLU B 95 -19.40 -2.12 -12.92
C GLU B 95 -18.01 -2.65 -13.13
N ASN B 96 -17.07 -2.14 -12.38
CA ASN B 96 -15.68 -2.47 -12.54
C ASN B 96 -15.20 -2.11 -13.92
N ASN B 97 -15.82 -1.09 -14.46
CA ASN B 97 -15.52 -0.58 -15.75
C ASN B 97 -15.75 -1.62 -16.84
N MET B 98 -16.73 -2.47 -16.64
CA MET B 98 -17.10 -3.47 -17.62
C MET B 98 -18.51 -3.14 -17.98
N LEU B 99 -18.80 -3.12 -19.25
CA LEU B 99 -20.10 -2.78 -19.71
C LEU B 99 -21.08 -3.89 -19.84
N LYS B 100 -22.28 -3.69 -19.36
CA LYS B 100 -23.37 -4.62 -19.58
C LYS B 100 -24.48 -3.83 -20.25
N LYS B 101 -24.70 -4.12 -21.52
CA LYS B 101 -25.74 -3.46 -22.27
C LYS B 101 -27.07 -4.03 -21.85
N ILE B 102 -27.98 -3.17 -21.42
CA ILE B 102 -29.31 -3.58 -20.97
C ILE B 102 -30.25 -3.69 -22.16
N ASN B 103 -30.22 -2.69 -23.03
CA ASN B 103 -31.06 -2.70 -24.22
C ASN B 103 -30.73 -1.50 -25.11
N SER B 104 -31.35 -1.47 -26.27
CA SER B 104 -31.32 -0.31 -27.14
C SER B 104 -32.48 -0.34 -28.14
N SER B 105 -32.93 0.85 -28.53
CA SER B 105 -34.03 1.04 -29.47
C SER B 105 -33.79 2.24 -30.35
N LYS B 106 -34.71 2.46 -31.28
CA LYS B 106 -34.80 3.71 -32.02
C LYS B 106 -35.31 4.77 -31.07
N ALA B 107 -35.12 6.02 -31.44
CA ALA B 107 -35.52 7.13 -30.59
C ALA B 107 -36.01 8.30 -31.42
N LEU B 108 -36.95 9.07 -30.89
CA LEU B 108 -37.27 10.38 -31.49
C LEU B 108 -36.43 11.48 -30.82
N VAL B 109 -35.88 12.37 -31.65
CA VAL B 109 -35.02 13.48 -31.22
C VAL B 109 -35.50 14.81 -31.78
N GLY B 110 -34.85 15.91 -31.38
CA GLY B 110 -35.08 17.22 -31.97
C GLY B 110 -34.87 17.24 -33.47
N SER B 111 -35.43 18.25 -34.13
CA SER B 111 -35.35 18.38 -35.59
C SER B 111 -34.09 19.11 -36.03
N LYS B 112 -33.50 19.93 -35.15
CA LYS B 112 -32.31 20.69 -35.51
C LYS B 112 -31.05 19.84 -35.35
N LYS B 113 -30.17 19.92 -36.34
CA LYS B 113 -28.89 19.24 -36.31
C LYS B 113 -27.88 20.13 -35.65
N GLY B 114 -26.77 19.51 -35.25
CA GLY B 114 -25.70 20.21 -34.56
C GLY B 114 -26.09 20.47 -33.12
N ASP B 115 -25.54 21.54 -32.57
CA ASP B 115 -25.67 21.85 -31.15
C ASP B 115 -26.99 22.49 -30.80
N LYS B 116 -27.40 22.29 -29.55
CA LYS B 116 -28.35 23.18 -28.91
C LYS B 116 -27.57 24.37 -28.38
N THR B 117 -28.05 25.57 -28.70
CA THR B 117 -27.46 26.80 -28.15
C THR B 117 -28.48 27.77 -27.55
N LEU B 118 -29.76 27.60 -27.86
CA LEU B 118 -30.75 28.63 -27.55
C LEU B 118 -32.07 28.01 -27.15
N GLU B 119 -32.80 28.67 -26.24
CA GLU B 119 -34.15 28.23 -25.94
C GLU B 119 -34.98 28.31 -27.21
N GLY B 120 -35.76 27.27 -27.46
CA GLY B 120 -36.66 27.22 -28.61
C GLY B 120 -36.02 26.75 -29.91
N ASP B 121 -34.75 26.34 -29.87
CA ASP B 121 -34.01 26.05 -31.11
C ASP B 121 -34.22 24.62 -31.66
N LEU B 122 -34.98 23.80 -30.96
CA LEU B 122 -35.40 22.47 -31.44
C LEU B 122 -34.29 21.43 -31.56
N ALA B 123 -33.16 21.64 -30.87
CA ALA B 123 -32.02 20.71 -30.96
C ALA B 123 -31.94 19.82 -29.74
N THR B 124 -31.65 18.55 -29.97
CA THR B 124 -31.18 17.67 -28.89
C THR B 124 -29.68 17.99 -28.68
N PRO B 125 -29.27 18.36 -27.45
CA PRO B 125 -27.86 18.77 -27.27
C PRO B 125 -26.90 17.63 -27.45
N ILE B 126 -25.71 17.97 -27.89
CA ILE B 126 -24.61 17.04 -28.02
C ILE B 126 -23.68 17.25 -26.80
N GLY B 127 -23.14 16.17 -26.23
CA GLY B 127 -22.24 16.26 -25.07
C GLY B 127 -22.51 15.17 -24.03
N VAL B 128 -22.04 15.40 -22.79
CA VAL B 128 -22.25 14.52 -21.64
C VAL B 128 -23.14 15.25 -20.65
N TYR B 129 -24.20 14.56 -20.23
CA TYR B 129 -25.19 15.11 -19.35
C TYR B 129 -25.44 14.17 -18.18
N ARG B 130 -26.20 14.65 -17.20
CA ARG B 130 -26.59 13.90 -16.01
C ARG B 130 -28.09 13.83 -15.91
N ILE B 131 -28.62 12.65 -15.59
CA ILE B 131 -30.03 12.50 -15.22
C ILE B 131 -30.19 12.79 -13.73
N THR B 132 -30.90 13.86 -13.43
CA THR B 132 -31.01 14.44 -12.09
C THR B 132 -32.24 13.96 -11.33
N GLN B 133 -33.34 13.71 -12.05
CA GLN B 133 -34.58 13.26 -11.45
C GLN B 133 -35.56 12.60 -12.44
N LYS B 134 -36.56 11.95 -11.86
CA LYS B 134 -37.63 11.31 -12.58
C LYS B 134 -38.93 12.03 -12.27
N LEU B 135 -39.60 12.50 -13.33
CA LEU B 135 -40.95 13.08 -13.25
C LEU B 135 -41.97 12.01 -13.67
N GLU B 136 -43.16 12.05 -13.08
CA GLU B 136 -44.22 11.06 -13.35
C GLU B 136 -45.62 11.63 -13.58
N ARG B 137 -46.03 12.63 -12.80
CA ARG B 137 -47.33 13.26 -13.01
C ARG B 137 -47.27 14.25 -14.18
N LEU B 138 -47.18 13.69 -15.38
CA LEU B 138 -46.98 14.44 -16.61
C LEU B 138 -48.20 14.33 -17.49
N ASP B 139 -48.24 15.17 -18.52
CA ASP B 139 -49.20 15.03 -19.60
C ASP B 139 -48.93 13.71 -20.32
N GLN B 140 -50.00 13.07 -20.79
CA GLN B 140 -49.95 11.76 -21.46
C GLN B 140 -49.00 11.69 -22.65
N TYR B 141 -48.79 12.83 -23.32
CA TYR B 141 -47.79 12.94 -24.41
C TYR B 141 -46.44 12.35 -24.01
N TYR B 142 -46.01 12.64 -22.79
CA TYR B 142 -44.67 12.27 -22.30
C TYR B 142 -44.51 10.79 -21.91
N GLY B 143 -45.59 10.01 -21.90
CA GLY B 143 -45.49 8.56 -21.64
C GLY B 143 -45.39 8.23 -20.18
N VAL B 144 -44.82 7.06 -19.86
CA VAL B 144 -44.82 6.56 -18.46
C VAL B 144 -44.02 7.43 -17.48
N LEU B 145 -42.99 8.12 -17.98
CA LEU B 145 -42.14 8.98 -17.14
C LEU B 145 -41.22 9.85 -18.00
N ALA B 146 -40.57 10.82 -17.35
CA ALA B 146 -39.50 11.59 -17.95
C ALA B 146 -38.29 11.62 -17.03
N PHE B 147 -37.14 11.20 -17.54
CA PHE B 147 -35.84 11.42 -16.91
C PHE B 147 -35.30 12.78 -17.34
N VAL B 148 -35.08 13.65 -16.35
CA VAL B 148 -34.65 15.01 -16.60
C VAL B 148 -33.13 15.10 -16.73
N THR B 149 -32.63 15.61 -17.87
CA THR B 149 -31.20 15.86 -18.03
C THR B 149 -30.88 17.24 -17.48
N ASN B 150 -29.61 17.47 -17.28
CA ASN B 150 -29.12 18.72 -16.74
C ASN B 150 -28.74 19.78 -17.75
N TYR B 151 -29.24 19.68 -18.97
CA TYR B 151 -28.95 20.72 -19.93
C TYR B 151 -29.62 21.98 -19.37
N PRO B 152 -28.97 23.20 -19.35
CA PRO B 152 -27.59 23.23 -19.82
C PRO B 152 -26.53 22.89 -18.76
N ASN B 153 -25.58 22.07 -19.12
CA ASN B 153 -24.55 21.64 -18.16
C ASN B 153 -23.54 22.79 -17.99
N LEU B 154 -22.49 22.55 -17.20
CA LEU B 154 -21.50 23.59 -16.92
C LEU B 154 -20.83 24.14 -18.19
N TYR B 155 -20.46 23.23 -19.08
CA TYR B 155 -19.84 23.60 -20.35
C TYR B 155 -20.77 24.47 -21.17
N ASP B 156 -22.03 24.05 -21.29
CA ASP B 156 -23.04 24.82 -22.01
C ASP B 156 -23.23 26.21 -21.38
N THR B 157 -23.31 26.21 -20.06
CA THR B 157 -23.47 27.44 -19.27
C THR B 157 -22.31 28.41 -19.45
N LEU B 158 -21.09 27.92 -19.36
CA LEU B 158 -19.92 28.79 -19.61
C LEU B 158 -19.78 29.23 -21.07
N LYS B 159 -20.39 28.49 -22.02
CA LYS B 159 -20.53 28.97 -23.41
C LYS B 159 -21.80 29.81 -23.67
N LYS B 160 -22.55 30.14 -22.62
CA LYS B 160 -23.66 31.08 -22.66
C LYS B 160 -24.83 30.52 -23.48
N ARG B 161 -24.97 29.19 -23.51
CA ARG B 161 -26.08 28.55 -24.21
C ARG B 161 -27.28 28.49 -23.31
N THR B 162 -28.49 28.70 -23.87
CA THR B 162 -29.74 28.79 -23.09
C THR B 162 -30.75 27.69 -23.45
N GLY B 163 -31.84 27.64 -22.71
CA GLY B 163 -32.86 26.62 -22.84
C GLY B 163 -32.90 25.80 -21.57
N HIS B 164 -33.83 24.86 -21.53
CA HIS B 164 -34.04 24.01 -20.36
C HIS B 164 -34.94 22.86 -20.76
N GLY B 165 -35.22 21.97 -19.82
CA GLY B 165 -36.22 20.94 -20.02
C GLY B 165 -35.93 19.93 -21.13
N ILE B 166 -34.66 19.56 -21.29
CA ILE B 166 -34.33 18.44 -22.15
C ILE B 166 -34.48 17.16 -21.32
N TRP B 167 -35.38 16.28 -21.74
CA TRP B 167 -35.75 15.10 -20.96
C TRP B 167 -35.63 13.89 -21.84
N VAL B 168 -35.40 12.73 -21.23
CA VAL B 168 -35.59 11.44 -21.88
C VAL B 168 -36.97 10.96 -21.41
N HIS B 169 -37.91 10.81 -22.35
CA HIS B 169 -39.27 10.39 -21.99
C HIS B 169 -39.87 9.33 -22.95
N GLY B 170 -41.13 8.98 -22.72
CA GLY B 170 -41.84 7.98 -23.50
C GLY B 170 -42.79 8.53 -24.56
N MET B 171 -43.44 7.59 -25.26
CA MET B 171 -44.43 7.90 -26.30
C MET B 171 -45.83 8.08 -25.69
N PRO B 172 -46.73 8.78 -26.40
CA PRO B 172 -48.03 9.12 -25.80
C PRO B 172 -48.89 7.95 -25.27
N LEU B 173 -49.52 8.19 -24.12
CA LEU B 173 -50.45 7.24 -23.49
C LEU B 173 -51.82 7.33 -24.18
N ASN B 174 -52.03 8.43 -24.91
CA ASN B 174 -53.11 8.60 -25.90
C ASN B 174 -53.12 7.58 -27.04
N GLY B 175 -51.96 6.99 -27.35
CA GLY B 175 -51.82 6.15 -28.54
C GLY B 175 -51.29 6.96 -29.72
N ASP B 176 -51.51 8.26 -29.62
CA ASP B 176 -51.12 9.16 -30.67
C ASP B 176 -49.68 8.94 -30.93
N ARG B 177 -49.32 8.96 -32.18
CA ARG B 177 -47.94 8.75 -32.55
C ARG B 177 -47.70 9.60 -33.76
N ASN B 178 -48.21 10.82 -33.69
CA ASN B 178 -48.08 11.79 -34.77
C ASN B 178 -46.75 12.42 -35.18
N GLU B 179 -45.94 12.89 -34.24
CA GLU B 179 -44.67 13.54 -34.63
C GLU B 179 -43.55 12.68 -35.09
N LEU B 180 -42.69 13.24 -35.90
CA LEU B 180 -41.51 12.57 -36.37
C LEU B 180 -40.28 13.09 -35.61
N ASN B 181 -40.47 14.21 -34.93
CA ASN B 181 -39.42 14.93 -34.23
C ASN B 181 -39.95 15.60 -32.99
N THR B 182 -39.11 15.61 -31.97
CA THR B 182 -39.38 16.27 -30.73
C THR B 182 -38.89 17.69 -30.86
N LYS B 183 -39.03 18.46 -29.81
CA LYS B 183 -38.53 19.80 -29.78
C LYS B 183 -37.20 19.78 -29.01
N GLY B 184 -36.56 18.63 -28.96
CA GLY B 184 -35.29 18.53 -28.29
C GLY B 184 -35.14 17.36 -27.35
N CYS B 185 -36.24 16.90 -26.79
CA CYS B 185 -36.23 15.78 -25.89
C CYS B 185 -35.86 14.49 -26.61
N ILE B 186 -35.72 13.41 -25.87
CA ILE B 186 -35.40 12.14 -26.48
C ILE B 186 -36.52 11.22 -26.07
N ALA B 187 -37.19 10.63 -27.03
CA ALA B 187 -38.32 9.77 -26.74
C ALA B 187 -38.18 8.34 -27.24
N ILE B 188 -38.63 7.41 -26.44
CA ILE B 188 -38.54 5.97 -26.71
C ILE B 188 -39.79 5.26 -26.23
N GLU B 189 -39.97 4.00 -26.62
CA GLU B 189 -41.19 3.26 -26.25
C GLU B 189 -41.31 3.05 -24.73
N ASN B 190 -42.56 3.10 -24.25
CA ASN B 190 -42.87 3.19 -22.82
C ASN B 190 -42.61 1.95 -21.98
N PRO B 191 -42.80 0.74 -22.57
CA PRO B 191 -42.43 -0.47 -21.80
C PRO B 191 -40.92 -0.54 -21.56
N LEU B 192 -40.16 -0.28 -22.61
CA LEU B 192 -38.71 -0.21 -22.57
C LEU B 192 -38.21 0.82 -21.55
N LEU B 193 -38.80 2.01 -21.59
CA LEU B 193 -38.44 3.10 -20.69
C LEU B 193 -38.61 2.70 -19.21
N SER B 194 -39.77 2.11 -18.90
CA SER B 194 -40.07 1.63 -17.54
C SER B 194 -39.12 0.53 -17.07
N SER B 195 -38.63 -0.31 -18.00
CA SER B 195 -37.61 -1.31 -17.69
C SER B 195 -36.30 -0.67 -17.24
N TYR B 196 -35.91 0.43 -17.91
CA TYR B 196 -34.69 1.16 -17.55
C TYR B 196 -34.82 1.77 -16.16
N ASP B 197 -35.98 2.38 -15.89
CA ASP B 197 -36.31 2.88 -14.55
C ASP B 197 -36.20 1.81 -13.45
N LYS B 198 -36.68 0.61 -13.74
CA LYS B 198 -36.64 -0.50 -12.80
C LYS B 198 -35.22 -0.92 -12.50
N VAL B 199 -34.36 -0.94 -13.53
CA VAL B 199 -32.95 -1.22 -13.34
C VAL B 199 -32.25 -0.11 -12.51
N LEU B 200 -32.58 1.14 -12.82
CA LEU B 200 -31.94 2.29 -12.19
C LEU B 200 -32.17 2.36 -10.70
N LYS B 201 -33.43 2.19 -10.29
CA LYS B 201 -33.83 2.22 -8.87
C LYS B 201 -33.48 3.56 -8.23
N GLY B 202 -33.87 4.66 -8.89
CA GLY B 202 -33.61 6.01 -8.38
C GLY B 202 -32.16 6.51 -8.35
N GLU B 203 -31.23 5.73 -8.89
CA GLU B 203 -29.85 6.18 -9.02
C GLU B 203 -29.70 7.15 -10.19
N LYS B 204 -28.72 8.04 -10.09
CA LYS B 204 -28.38 8.94 -11.18
C LYS B 204 -27.81 8.12 -12.36
N ALA B 205 -27.93 8.66 -13.57
CA ALA B 205 -27.29 8.07 -14.76
C ALA B 205 -26.59 9.14 -15.56
N PHE B 206 -25.56 8.75 -16.30
CA PHE B 206 -24.94 9.63 -17.31
C PHE B 206 -25.65 9.47 -18.66
N LEU B 207 -25.58 10.53 -19.47
CA LEU B 207 -26.04 10.51 -20.88
C LEU B 207 -24.94 11.05 -21.77
N ILE B 208 -24.50 10.26 -22.73
CA ILE B 208 -23.60 10.72 -23.79
C ILE B 208 -24.43 10.82 -25.05
N THR B 209 -24.52 12.04 -25.60
CA THR B 209 -25.24 12.25 -26.85
C THR B 209 -24.28 12.78 -27.90
N TYR B 210 -24.23 12.09 -29.02
CA TYR B 210 -23.37 12.43 -30.13
C TYR B 210 -24.14 12.45 -31.43
N GLU B 211 -23.47 12.98 -32.43
CA GLU B 211 -23.99 13.14 -33.74
C GLU B 211 -23.15 12.42 -34.75
N ASP B 212 -23.80 11.59 -35.52
CA ASP B 212 -23.21 10.82 -36.60
C ASP B 212 -22.20 9.76 -36.17
N LYS B 213 -21.03 10.17 -35.73
CA LYS B 213 -20.03 9.21 -35.32
C LYS B 213 -19.46 9.50 -33.94
N PHE B 214 -19.26 8.44 -33.18
CA PHE B 214 -18.73 8.53 -31.83
C PHE B 214 -17.29 8.10 -31.84
N PHE B 215 -16.45 8.97 -31.33
CA PHE B 215 -15.03 8.71 -31.19
C PHE B 215 -14.70 8.43 -29.72
N PRO B 216 -14.46 7.15 -29.38
CA PRO B 216 -14.36 6.71 -27.98
C PRO B 216 -13.14 7.21 -27.26
N SER B 217 -13.23 7.29 -25.92
CA SER B 217 -12.03 7.57 -25.13
C SER B 217 -11.13 6.35 -25.25
N THR B 218 -9.84 6.54 -25.52
CA THR B 218 -8.93 5.42 -25.52
C THR B 218 -8.31 5.18 -24.16
N LYS B 219 -7.69 4.01 -24.01
CA LYS B 219 -6.92 3.71 -22.79
C LYS B 219 -5.73 4.63 -22.59
N GLU B 220 -5.10 5.05 -23.67
CA GLU B 220 -4.00 6.02 -23.58
C GLU B 220 -4.49 7.37 -23.02
N GLU B 221 -5.58 7.90 -23.59
CA GLU B 221 -6.21 9.15 -23.14
C GLU B 221 -6.61 9.07 -21.66
N LEU B 222 -7.34 8.04 -21.28
CA LEU B 222 -7.74 7.85 -19.87
C LEU B 222 -6.54 7.81 -18.92
N SER B 223 -5.47 7.12 -19.33
CA SER B 223 -4.28 7.00 -18.52
C SER B 223 -3.57 8.32 -18.37
N MET B 224 -3.55 9.13 -19.44
CA MET B 224 -3.00 10.46 -19.37
C MET B 224 -3.84 11.33 -18.44
N ILE B 225 -5.17 11.25 -18.58
CA ILE B 225 -6.09 12.12 -17.77
C ILE B 225 -6.03 11.75 -16.31
N LEU B 226 -6.14 10.46 -16.02
CA LEU B 226 -6.13 10.00 -14.63
C LEU B 226 -4.84 10.30 -13.93
N SER B 227 -3.72 9.99 -14.56
CA SER B 227 -2.43 10.30 -13.98
C SER B 227 -2.26 11.81 -13.77
N SER B 228 -2.66 12.62 -14.75
CA SER B 228 -2.62 14.07 -14.57
C SER B 228 -3.52 14.57 -13.41
N LEU B 229 -4.71 14.01 -13.27
CA LEU B 229 -5.66 14.36 -12.19
C LEU B 229 -4.96 14.27 -10.82
N PHE B 230 -4.31 13.14 -10.57
CA PHE B 230 -3.62 12.90 -9.29
C PHE B 230 -2.36 13.74 -9.11
N GLN B 231 -1.72 14.08 -10.22
CA GLN B 231 -0.57 14.98 -10.18
C GLN B 231 -1.01 16.38 -9.80
N TRP B 232 -2.12 16.80 -10.42
CA TRP B 232 -2.72 18.11 -10.15
C TRP B 232 -3.13 18.22 -8.69
N LYS B 233 -3.78 17.17 -8.18
CA LYS B 233 -4.16 17.11 -6.78
C LYS B 233 -2.94 17.21 -5.83
N GLU B 234 -1.90 16.44 -6.10
CA GLU B 234 -0.67 16.52 -5.31
C GLU B 234 -0.04 17.92 -5.37
N ALA B 235 0.02 18.54 -6.54
CA ALA B 235 0.58 19.89 -6.66
C ALA B 235 -0.24 20.93 -5.89
N TRP B 236 -1.56 20.80 -6.01
CA TRP B 236 -2.53 21.62 -5.28
C TRP B 236 -2.35 21.47 -3.77
N ALA B 237 -2.43 20.25 -3.27
CA ALA B 237 -2.31 19.95 -1.84
C ALA B 237 -0.96 20.37 -1.24
N ARG B 238 0.14 20.05 -1.93
CA ARG B 238 1.50 20.35 -1.46
C ARG B 238 1.85 21.84 -1.64
N GLY B 239 1.12 22.54 -2.51
CA GLY B 239 1.31 23.98 -2.71
C GLY B 239 2.35 24.34 -3.75
N ASP B 240 2.58 23.44 -4.72
CA ASP B 240 3.51 23.68 -5.82
C ASP B 240 2.82 24.50 -6.91
N PHE B 241 2.93 25.82 -6.79
CA PHE B 241 2.21 26.74 -7.63
C PHE B 241 2.44 26.60 -9.14
N GLU B 242 3.70 26.52 -9.55
CA GLU B 242 3.99 26.53 -11.01
C GLU B 242 3.59 25.19 -11.61
N ARG B 243 3.79 24.11 -10.88
CA ARG B 243 3.31 22.80 -11.30
C ARG B 243 1.78 22.74 -11.44
N TYR B 244 1.05 23.29 -10.47
CA TYR B 244 -0.41 23.35 -10.49
C TYR B 244 -0.94 24.13 -11.67
N MET B 245 -0.38 25.32 -11.88
CA MET B 245 -0.80 26.22 -12.95
C MET B 245 -0.59 25.68 -14.36
N ARG B 246 0.45 24.86 -14.54
CA ARG B 246 0.73 24.24 -15.82
C ARG B 246 -0.41 23.35 -16.34
N PHE B 247 -1.24 22.76 -15.46
CA PHE B 247 -2.41 21.98 -15.91
C PHE B 247 -3.53 22.80 -16.55
N TYR B 248 -3.52 24.12 -16.36
CA TYR B 248 -4.61 24.97 -16.77
C TYR B 248 -4.36 25.53 -18.16
N ASN B 249 -5.35 25.34 -19.03
CA ASN B 249 -5.30 25.87 -20.39
C ASN B 249 -5.35 27.40 -20.33
N PRO B 250 -4.55 28.08 -21.18
CA PRO B 250 -4.65 29.54 -21.20
C PRO B 250 -6.07 30.10 -21.45
N ASN B 251 -6.93 29.37 -22.16
CA ASN B 251 -8.35 29.73 -22.31
C ASN B 251 -9.27 29.40 -21.10
N PHE B 252 -8.71 29.00 -19.96
CA PHE B 252 -9.46 28.55 -18.77
C PHE B 252 -10.62 29.46 -18.37
N THR B 253 -11.77 28.86 -18.08
CA THR B 253 -12.88 29.57 -17.42
C THR B 253 -13.34 28.83 -16.17
N ARG B 254 -13.32 29.49 -15.03
CA ARG B 254 -13.85 28.92 -13.81
C ARG B 254 -15.37 28.98 -13.84
N TYR B 255 -16.02 28.14 -13.05
CA TYR B 255 -17.49 28.06 -13.01
C TYR B 255 -18.20 29.41 -12.80
N ASP B 256 -17.54 30.35 -12.13
CA ASP B 256 -18.14 31.68 -11.84
C ASP B 256 -17.69 32.76 -12.83
N GLY B 257 -17.10 32.35 -13.96
CA GLY B 257 -16.68 33.28 -15.01
C GLY B 257 -15.23 33.72 -14.93
N MET B 258 -14.53 33.47 -13.83
CA MET B 258 -13.13 33.92 -13.72
C MET B 258 -12.23 33.30 -14.79
N LYS B 259 -11.33 34.12 -15.34
CA LYS B 259 -10.48 33.71 -16.45
C LYS B 259 -9.07 33.48 -15.98
N PHE B 260 -8.21 33.03 -16.88
CA PHE B 260 -6.89 32.54 -16.53
C PHE B 260 -6.05 33.50 -15.68
N ASN B 261 -5.96 34.76 -16.11
CA ASN B 261 -5.00 35.65 -15.45
C ASN B 261 -5.41 36.03 -14.01
N ALA B 262 -6.68 36.34 -13.82
CA ALA B 262 -7.23 36.60 -12.50
C ALA B 262 -7.13 35.35 -11.58
N PHE B 263 -7.42 34.18 -12.15
CA PHE B 263 -7.29 32.90 -11.43
C PHE B 263 -5.84 32.66 -10.99
N LYS B 264 -4.91 32.78 -11.94
CA LYS B 264 -3.47 32.62 -11.65
C LYS B 264 -3.02 33.56 -10.56
N GLU B 265 -3.49 34.80 -10.65
CA GLU B 265 -3.14 35.84 -9.68
C GLU B 265 -3.62 35.48 -8.28
N TYR B 266 -4.89 35.12 -8.17
CA TYR B 266 -5.49 34.69 -6.92
C TYR B 266 -4.79 33.46 -6.32
N LYS B 267 -4.52 32.45 -7.16
CA LYS B 267 -3.86 31.23 -6.69
C LYS B 267 -2.42 31.45 -6.20
N LYS B 268 -1.66 32.32 -6.86
CA LYS B 268 -0.30 32.66 -6.42
C LYS B 268 -0.31 33.15 -4.97
N ARG B 269 -1.16 34.14 -4.72
CA ARG B 269 -1.37 34.66 -3.38
C ARG B 269 -1.74 33.53 -2.39
N VAL B 270 -2.73 32.73 -2.75
CA VAL B 270 -3.22 31.65 -1.87
C VAL B 270 -2.14 30.61 -1.55
N PHE B 271 -1.36 30.27 -2.57
CA PHE B 271 -0.30 29.27 -2.42
C PHE B 271 0.84 29.82 -1.55
N ALA B 272 1.18 31.09 -1.75
CA ALA B 272 2.19 31.78 -0.92
C ALA B 272 1.92 31.74 0.58
N LYS B 273 0.68 31.51 1.00
CA LYS B 273 0.36 31.28 2.41
C LYS B 273 0.93 29.96 2.96
N ASN B 274 1.12 28.98 2.09
CA ASN B 274 1.66 27.68 2.48
C ASN B 274 0.89 27.02 3.61
N GLU B 275 -0.42 27.01 3.46
CA GLU B 275 -1.31 26.21 4.30
C GLU B 275 -1.08 24.73 4.04
N LYS B 276 -1.07 23.93 5.09
CA LYS B 276 -1.24 22.48 4.99
C LYS B 276 -2.69 22.16 4.52
N LYS B 277 -2.79 21.18 3.63
CA LYS B 277 -4.06 20.79 2.98
C LYS B 277 -4.05 19.30 2.73
N ASN B 278 -5.14 18.63 3.07
CA ASN B 278 -5.38 17.23 2.72
C ASN B 278 -6.58 17.22 1.77
N ILE B 279 -6.39 16.63 0.59
CA ILE B 279 -7.42 16.56 -0.46
C ILE B 279 -7.58 15.10 -0.90
N ALA B 280 -8.81 14.59 -0.88
CA ALA B 280 -9.08 13.22 -1.33
C ALA B 280 -10.20 13.27 -2.38
N PHE B 281 -9.99 12.55 -3.47
CA PHE B 281 -11.00 12.39 -4.53
C PHE B 281 -11.58 10.99 -4.48
N SER B 282 -12.87 10.87 -4.70
CA SER B 282 -13.52 9.58 -4.74
C SER B 282 -14.60 9.60 -5.80
N SER B 283 -15.05 8.41 -6.18
CA SER B 283 -16.02 8.20 -7.24
C SER B 283 -15.73 9.03 -8.52
N ILE B 284 -14.53 8.84 -9.02
CA ILE B 284 -14.04 9.55 -10.18
C ILE B 284 -14.63 8.93 -11.44
N ASN B 285 -15.15 9.78 -12.31
CA ASN B 285 -15.52 9.39 -13.68
C ASN B 285 -14.86 10.35 -14.67
N VAL B 286 -14.34 9.77 -15.76
CA VAL B 286 -13.77 10.49 -16.88
C VAL B 286 -14.49 10.02 -18.14
N ILE B 287 -15.21 10.93 -18.78
CA ILE B 287 -16.11 10.60 -19.85
C ILE B 287 -15.78 11.44 -21.11
N PRO B 288 -15.60 10.79 -22.27
CA PRO B 288 -15.32 11.53 -23.49
C PRO B 288 -16.53 12.39 -23.86
N TYR B 289 -16.25 13.61 -24.33
CA TYR B 289 -17.23 14.66 -24.49
C TYR B 289 -17.38 14.96 -26.00
N PRO B 290 -18.44 14.42 -26.64
CA PRO B 290 -18.60 14.65 -28.09
C PRO B 290 -18.85 16.13 -28.37
N ASN B 291 -18.21 16.65 -29.41
CA ASN B 291 -18.29 18.08 -29.75
C ASN B 291 -18.17 18.36 -31.26
N SER B 292 -18.79 19.47 -31.69
CA SER B 292 -18.79 19.90 -33.11
C SER B 292 -17.46 19.71 -33.80
N GLN B 293 -16.39 20.21 -33.17
CA GLN B 293 -15.06 20.29 -33.76
C GLN B 293 -14.23 19.01 -33.61
N ASN B 294 -14.80 17.94 -33.07
CA ASN B 294 -14.07 16.69 -32.75
C ASN B 294 -12.69 16.87 -32.01
N LYS B 295 -12.58 17.94 -31.20
CA LYS B 295 -11.48 18.10 -30.25
C LYS B 295 -11.58 16.96 -29.28
N ARG B 296 -10.47 16.62 -28.65
CA ARG B 296 -10.47 15.54 -27.69
C ARG B 296 -10.72 16.18 -26.31
N LEU B 297 -12.02 16.38 -26.04
CA LEU B 297 -12.54 16.91 -24.80
C LEU B 297 -13.09 15.81 -23.91
N PHE B 298 -12.95 15.98 -22.59
CA PHE B 298 -13.41 15.03 -21.60
C PHE B 298 -14.06 15.75 -20.41
N TYR B 299 -15.08 15.12 -19.85
CA TYR B 299 -15.74 15.62 -18.63
C TYR B 299 -15.24 14.75 -17.51
N VAL B 300 -14.77 15.37 -16.42
CA VAL B 300 -14.30 14.65 -15.24
C VAL B 300 -15.17 15.06 -14.05
N VAL B 301 -15.76 14.10 -13.35
CA VAL B 301 -16.59 14.44 -12.20
C VAL B 301 -16.25 13.51 -11.06
N PHE B 302 -16.14 14.08 -9.86
CA PHE B 302 -15.74 13.32 -8.69
C PHE B 302 -16.15 14.03 -7.40
N ASP B 303 -16.22 13.27 -6.32
CA ASP B 303 -16.43 13.85 -4.99
C ASP B 303 -15.11 14.24 -4.40
N GLN B 304 -15.07 15.39 -3.73
CA GLN B 304 -13.84 15.90 -3.12
C GLN B 304 -14.02 16.19 -1.61
N ASP B 305 -13.12 15.63 -0.81
CA ASP B 305 -12.98 15.96 0.61
C ASP B 305 -11.75 16.83 0.70
N TYR B 306 -11.97 18.09 1.08
CA TYR B 306 -10.92 19.10 1.14
C TYR B 306 -10.81 19.59 2.58
N LYS B 307 -9.58 19.62 3.11
CA LYS B 307 -9.32 20.13 4.44
C LYS B 307 -8.08 20.99 4.41
N ALA B 308 -8.12 22.15 5.07
CA ALA B 308 -6.94 22.99 5.22
C ALA B 308 -6.71 23.30 6.69
N TYR B 309 -5.46 23.61 7.01
CA TYR B 309 -4.96 23.76 8.37
C TYR B 309 -4.13 25.04 8.54
N GLN B 310 -4.19 25.61 9.74
CA GLN B 310 -3.33 26.75 10.13
C GLN B 310 -2.73 26.39 11.46
N HIS B 311 -1.40 26.42 11.53
CA HIS B 311 -0.66 26.02 12.73
C HIS B 311 -1.28 24.77 13.34
N ASN B 312 -1.40 23.74 12.50
CA ASN B 312 -1.87 22.40 12.84
C ASN B 312 -3.30 22.31 13.38
N LYS B 313 -4.12 23.30 13.08
CA LYS B 313 -5.53 23.27 13.42
C LYS B 313 -6.36 23.51 12.17
N LEU B 314 -7.40 22.70 12.01
CA LEU B 314 -8.32 22.74 10.87
C LEU B 314 -8.96 24.12 10.73
N SER B 315 -8.66 24.82 9.64
CA SER B 315 -9.26 26.13 9.39
C SER B 315 -10.41 26.10 8.36
N TYR B 316 -10.43 25.09 7.50
CA TYR B 316 -11.45 24.99 6.47
C TYR B 316 -11.68 23.52 6.14
N SER B 317 -12.95 23.12 6.01
CA SER B 317 -13.29 21.81 5.42
C SER B 317 -14.50 21.89 4.49
N SER B 318 -14.46 21.09 3.41
CA SER B 318 -15.60 20.93 2.54
C SER B 318 -15.69 19.53 1.95
N ASN B 319 -16.93 19.17 1.59
CA ASN B 319 -17.25 17.99 0.82
C ASN B 319 -18.16 18.43 -0.31
N SER B 320 -17.65 18.28 -1.53
CA SER B 320 -18.24 18.92 -2.71
C SER B 320 -18.17 17.92 -3.89
N GLN B 321 -18.95 18.18 -4.93
CA GLN B 321 -18.83 17.50 -6.23
C GLN B 321 -18.04 18.44 -7.16
N LYS B 322 -16.89 17.98 -7.62
CA LYS B 322 -16.02 18.77 -8.47
C LYS B 322 -16.32 18.35 -9.90
N GLU B 323 -16.18 19.29 -10.83
CA GLU B 323 -16.29 19.02 -12.26
C GLU B 323 -15.12 19.73 -12.99
N LEU B 324 -14.49 19.02 -13.91
CA LEU B 324 -13.47 19.58 -14.79
C LEU B 324 -13.90 19.26 -16.21
N TYR B 325 -13.63 20.20 -17.13
CA TYR B 325 -13.56 19.84 -18.52
C TYR B 325 -12.09 19.95 -18.93
N ILE B 326 -11.63 18.90 -19.60
CA ILE B 326 -10.24 18.70 -19.95
C ILE B 326 -10.11 18.51 -21.48
N GLU B 327 -9.06 19.10 -22.05
CA GLU B 327 -8.68 18.86 -23.44
C GLU B 327 -7.33 18.14 -23.52
N ILE B 328 -7.22 17.17 -24.44
CA ILE B 328 -5.89 16.67 -24.84
C ILE B 328 -5.62 17.22 -26.24
N GLU B 329 -4.55 18.00 -26.36
CA GLU B 329 -4.14 18.60 -27.64
C GLU B 329 -2.62 18.58 -27.67
N ASN B 330 -2.03 18.26 -28.83
CA ASN B 330 -0.58 18.12 -28.94
C ASN B 330 -0.02 17.24 -27.83
N ASN B 331 -0.77 16.18 -27.54
CA ASN B 331 -0.42 15.20 -26.53
C ASN B 331 -0.24 15.73 -25.11
N GLN B 332 -0.92 16.81 -24.79
CA GLN B 332 -0.84 17.43 -23.47
C GLN B 332 -2.25 17.58 -22.90
N VAL B 333 -2.34 17.34 -21.59
CA VAL B 333 -3.60 17.46 -20.86
C VAL B 333 -3.72 18.85 -20.34
N SER B 334 -4.87 19.47 -20.55
CA SER B 334 -5.11 20.76 -19.92
C SER B 334 -6.56 20.91 -19.45
N ILE B 335 -6.71 21.72 -18.39
CA ILE B 335 -8.00 22.01 -17.81
C ILE B 335 -8.57 23.26 -18.52
N ILE B 336 -9.73 23.11 -19.11
CA ILE B 336 -10.38 24.24 -19.77
C ILE B 336 -11.47 24.89 -18.93
N MET B 337 -12.08 24.11 -18.03
CA MET B 337 -13.12 24.63 -17.15
C MET B 337 -13.08 23.88 -15.83
N GLU B 338 -13.40 24.56 -14.75
CA GLU B 338 -13.44 23.92 -13.43
C GLU B 338 -14.53 24.48 -12.57
N LYS B 339 -15.28 23.57 -11.93
CA LYS B 339 -16.06 23.89 -10.77
C LYS B 339 -15.51 23.10 -9.59
#